data_3OA6
#
_entry.id   3OA6
#
_cell.length_a   37.976
_cell.length_b   44.094
_cell.length_c   67.500
_cell.angle_alpha   81.350
_cell.angle_beta   89.840
_cell.angle_gamma   90.040
#
_symmetry.space_group_name_H-M   'P 1'
#
loop_
_entity.id
_entity.type
_entity.pdbx_description
1 polymer 'Male-specific lethal 3 homolog'
2 polymer "DNA (5'-D(*GP*CP*TP*AP*GP*GP*TP*CP*AP*AP*AP*GP*GP*TP*CP*A)-3')"
3 polymer "DNA (5'-D(*CP*TP*GP*AP*CP*CP*TP*TP*TP*GP*AP*CP*CP*TP*AP*G)-3')"
4 polymer 'H4 peptide monomethylated at lysine 20'
5 non-polymer IMIDAZOLE
6 water water
#
loop_
_entity_poly.entity_id
_entity_poly.type
_entity_poly.pdbx_seq_one_letter_code
_entity_poly.pdbx_strand_id
1 'polypeptide(L)'
;MKKHHHHHHMSASEGMKFKFHSGEKVLCFEPDPTKARVLYDAKIVDVIVGKDEKGRKIPEYLIHFNGWNRSWDRWAAEDH
VLRDTDENRRLQRKLARKAVARLRSTGRKK
;
A,B
2 'polydeoxyribonucleotide' (DG)(DC)(DT)(DA)(DG)(DG)(DT)(DC)(DA)(DA)(DA)(DG)(DG)(DT)(DC)(DA) C,E
3 'polydeoxyribonucleotide' (DC)(DT)(DG)(DA)(DC)(DC)(DT)(DT)(DT)(DG)(DA)(DC)(DC)(DT)(DA)(DG) D,F
4 'polypeptide(L)' GLGKGGAKRHR(MLZ)VLRDNIQGITKY G
#
# COMPACT_ATOMS: atom_id res chain seq x y z
N PHE A 18 -4.48 -0.30 -19.44
CA PHE A 18 -4.25 1.07 -18.88
C PHE A 18 -3.10 1.74 -19.62
N LYS A 19 -2.31 2.51 -18.90
CA LYS A 19 -1.36 3.45 -19.52
C LYS A 19 -0.23 2.73 -20.26
N PHE A 20 0.13 1.59 -19.70
CA PHE A 20 1.16 0.72 -20.26
C PHE A 20 0.60 -0.65 -20.51
N HIS A 21 1.22 -1.33 -21.43
CA HIS A 21 0.75 -2.64 -21.84
C HIS A 21 1.86 -3.67 -21.78
N SER A 22 1.45 -4.91 -21.56
CA SER A 22 2.38 -6.05 -21.58
C SER A 22 3.18 -6.02 -22.82
N GLY A 23 4.46 -6.24 -22.66
CA GLY A 23 5.38 -6.30 -23.79
C GLY A 23 6.10 -5.00 -23.92
N GLU A 24 5.46 -3.97 -23.43
CA GLU A 24 6.01 -2.60 -23.54
C GLU A 24 7.30 -2.43 -22.78
N LYS A 25 8.20 -1.82 -23.51
CA LYS A 25 9.48 -1.38 -23.00
C LYS A 25 9.32 -0.04 -22.29
N VAL A 26 9.82 0.01 -21.08
CA VAL A 26 9.67 1.19 -20.27
C VAL A 26 10.87 1.47 -19.41
N LEU A 27 10.79 2.59 -18.73
CA LEU A 27 11.74 2.95 -17.68
C LEU A 27 11.02 2.81 -16.39
N CYS A 28 11.70 2.26 -15.40
CA CYS A 28 11.09 2.04 -14.11
C CYS A 28 11.98 2.38 -12.94
N PHE A 29 11.40 3.06 -11.97
CA PHE A 29 12.15 3.46 -10.76
C PHE A 29 12.60 2.27 -9.97
N GLU A 30 13.76 2.43 -9.39
CA GLU A 30 14.30 1.51 -8.39
C GLU A 30 13.16 1.12 -7.46
N PRO A 31 12.87 -0.15 -7.35
CA PRO A 31 11.71 -0.45 -6.57
C PRO A 31 12.02 -0.44 -5.09
N ASP A 32 13.31 -0.50 -4.78
CA ASP A 32 13.80 -0.51 -3.34
C ASP A 32 14.11 0.87 -2.73
N PRO A 33 13.22 1.35 -1.87
CA PRO A 33 13.26 2.66 -1.24
C PRO A 33 14.58 3.03 -0.62
N THR A 34 15.32 2.04 -0.14
CA THR A 34 16.54 2.32 0.63
C THR A 34 17.73 2.56 -0.29
N LYS A 35 17.48 2.41 -1.58
CA LYS A 35 18.54 2.56 -2.62
C LYS A 35 18.43 3.84 -3.41
N ALA A 36 19.53 4.17 -4.04
CA ALA A 36 19.60 5.37 -4.88
C ALA A 36 18.41 5.35 -5.84
N ARG A 37 17.71 6.47 -5.88
CA ARG A 37 16.64 6.70 -6.85
C ARG A 37 17.26 6.80 -8.25
N VAL A 38 17.14 5.71 -8.99
CA VAL A 38 17.51 5.72 -10.39
C VAL A 38 16.44 5.06 -11.24
N LEU A 39 16.62 5.23 -12.53
CA LEU A 39 15.66 4.70 -13.53
C LEU A 39 16.31 3.58 -14.28
N TYR A 40 15.67 2.41 -14.25
CA TYR A 40 16.15 1.25 -15.03
C TYR A 40 15.36 0.99 -16.29
N ASP A 41 16.07 0.54 -17.29
CA ASP A 41 15.44 0.07 -18.53
C ASP A 41 14.66 -1.14 -18.11
N ALA A 42 13.43 -1.22 -18.55
CA ALA A 42 12.62 -2.35 -18.12
C ALA A 42 11.53 -2.69 -19.10
N LYS A 43 10.83 -3.73 -18.77
CA LYS A 43 9.80 -4.25 -19.64
C LYS A 43 8.59 -4.72 -18.85
N ILE A 44 7.41 -4.40 -19.36
CA ILE A 44 6.18 -4.85 -18.70
C ILE A 44 5.96 -6.30 -19.04
N VAL A 45 5.94 -7.12 -18.00
CA VAL A 45 5.81 -8.59 -18.11
C VAL A 45 4.37 -8.96 -17.99
N ASP A 46 3.73 -8.33 -17.03
CA ASP A 46 2.31 -8.54 -16.71
C ASP A 46 1.64 -7.31 -16.11
N VAL A 47 0.40 -7.11 -16.53
CA VAL A 47 -0.46 -6.15 -15.85
C VAL A 47 -1.58 -6.86 -15.14
N ILE A 48 -2.09 -6.19 -14.16
CA ILE A 48 -3.04 -6.80 -13.25
C ILE A 48 -3.88 -5.73 -12.64
N VAL A 49 -5.17 -5.87 -12.74
CA VAL A 49 -6.09 -4.98 -12.04
C VAL A 49 -6.09 -5.37 -10.59
N GLY A 50 -5.72 -4.40 -9.78
CA GLY A 50 -5.66 -4.56 -8.33
C GLY A 50 -6.57 -3.57 -7.64
N LYS A 51 -6.38 -3.45 -6.34
CA LYS A 51 -7.31 -2.65 -5.54
C LYS A 51 -6.65 -1.85 -4.44
N ASP A 52 -6.99 -0.57 -4.46
CA ASP A 52 -6.49 0.40 -3.47
C ASP A 52 -7.15 0.24 -2.12
N GLU A 53 -6.64 0.99 -1.16
CA GLU A 53 -6.94 0.72 0.26
C GLU A 53 -8.42 0.91 0.42
N LYS A 54 -8.97 1.70 -0.50
CA LYS A 54 -10.39 2.09 -0.51
C LYS A 54 -11.10 1.49 -1.72
N GLY A 55 -10.54 0.40 -2.17
CA GLY A 55 -11.25 -0.55 -3.00
C GLY A 55 -11.38 -0.15 -4.44
N ARG A 56 -10.86 1.02 -4.76
CA ARG A 56 -10.80 1.45 -6.19
C ARG A 56 -9.88 0.56 -6.99
N LYS A 57 -10.30 0.32 -8.21
CA LYS A 57 -9.46 -0.38 -9.20
C LYS A 57 -8.31 0.49 -9.62
N ILE A 58 -7.14 -0.07 -9.35
CA ILE A 58 -5.83 0.48 -9.74
C ILE A 58 -5.01 -0.61 -10.43
N PRO A 59 -4.27 -0.24 -11.48
CA PRO A 59 -3.44 -1.19 -12.18
C PRO A 59 -2.15 -1.42 -11.46
N GLU A 60 -1.74 -2.68 -11.53
CA GLU A 60 -0.41 -3.12 -11.09
C GLU A 60 0.32 -3.71 -12.25
N TYR A 61 1.61 -3.48 -12.22
CA TYR A 61 2.52 -3.83 -13.33
C TYR A 61 3.69 -4.60 -12.80
N LEU A 62 3.86 -5.79 -13.34
CA LEU A 62 5.03 -6.62 -13.04
C LEU A 62 6.14 -6.23 -13.99
N ILE A 63 7.27 -5.85 -13.43
CA ILE A 63 8.30 -5.34 -14.23
C ILE A 63 9.51 -6.15 -14.16
N HIS A 64 10.01 -6.35 -15.37
CA HIS A 64 11.30 -6.98 -15.64
C HIS A 64 12.33 -5.92 -15.99
N PHE A 65 13.45 -6.04 -15.29
CA PHE A 65 14.61 -5.13 -15.40
C PHE A 65 15.63 -5.65 -16.38
N ASN A 66 15.71 -4.99 -17.50
CA ASN A 66 16.56 -5.47 -18.55
C ASN A 66 17.98 -5.67 -18.05
N GLY A 67 18.46 -6.88 -18.25
CA GLY A 67 19.85 -7.22 -18.05
C GLY A 67 20.02 -7.97 -16.79
N TRP A 68 18.93 -7.99 -16.02
CA TRP A 68 18.81 -8.82 -14.80
C TRP A 68 17.83 -9.94 -15.03
N ASN A 69 18.02 -11.09 -14.37
CA ASN A 69 17.12 -12.24 -14.62
C ASN A 69 15.88 -12.19 -13.84
N ARG A 70 14.98 -13.06 -14.27
CA ARG A 70 13.58 -12.93 -13.90
C ARG A 70 13.37 -12.90 -12.41
N SER A 71 14.38 -13.30 -11.64
CA SER A 71 14.21 -13.42 -10.19
C SER A 71 14.28 -12.04 -9.60
N TRP A 72 14.55 -11.08 -10.45
CA TRP A 72 14.63 -9.68 -9.99
C TRP A 72 13.37 -8.92 -10.30
N ASP A 73 12.44 -9.60 -10.92
CA ASP A 73 11.11 -9.01 -11.28
C ASP A 73 10.33 -8.52 -10.03
N ARG A 74 9.78 -7.32 -10.15
CA ARG A 74 9.13 -6.63 -9.06
C ARG A 74 7.80 -6.08 -9.48
N TRP A 75 6.85 -6.11 -8.55
CA TRP A 75 5.53 -5.45 -8.75
C TRP A 75 5.67 -3.99 -8.41
N ALA A 76 5.14 -3.17 -9.28
CA ALA A 76 5.22 -1.75 -9.11
C ALA A 76 3.91 -1.09 -9.45
N ALA A 77 3.68 0.02 -8.77
CA ALA A 77 2.53 0.91 -9.02
C ALA A 77 2.79 1.78 -10.27
N GLU A 78 1.72 2.18 -10.93
CA GLU A 78 1.82 3.08 -12.12
C GLU A 78 2.76 4.26 -11.90
N ASP A 79 2.73 4.76 -10.70
CA ASP A 79 3.59 5.88 -10.33
C ASP A 79 5.04 5.64 -10.73
N HIS A 80 5.40 4.38 -10.75
CA HIS A 80 6.82 3.99 -10.70
C HIS A 80 7.37 3.67 -12.07
N VAL A 81 6.50 3.82 -13.02
CA VAL A 81 6.77 3.37 -14.37
C VAL A 81 6.61 4.53 -15.27
N LEU A 82 7.67 4.78 -16.03
CA LEU A 82 7.71 5.89 -16.99
C LEU A 82 7.79 5.38 -18.38
N ARG A 83 7.08 6.07 -19.25
CA ARG A 83 7.23 5.87 -20.70
C ARG A 83 8.65 6.17 -21.22
N ASP A 84 9.11 5.26 -22.06
CA ASP A 84 10.46 5.33 -22.67
C ASP A 84 10.59 6.44 -23.72
N THR A 85 10.81 7.62 -23.20
CA THR A 85 10.62 8.84 -23.90
C THR A 85 11.94 9.68 -23.86
N ASP A 86 12.12 10.61 -24.78
CA ASP A 86 13.36 11.45 -24.76
C ASP A 86 13.49 12.11 -23.36
N GLU A 87 12.38 12.57 -22.85
CA GLU A 87 12.40 13.41 -21.64
C GLU A 87 12.71 12.57 -20.39
N ASN A 88 12.27 11.32 -20.44
CA ASN A 88 12.43 10.39 -19.35
C ASN A 88 13.82 9.78 -19.35
N ARG A 89 14.40 9.82 -20.53
CA ARG A 89 15.74 9.33 -20.77
C ARG A 89 16.70 10.37 -20.25
N ARG A 90 16.40 11.61 -20.56
CA ARG A 90 17.10 12.72 -19.96
C ARG A 90 17.07 12.61 -18.43
N LEU A 91 15.93 12.20 -17.89
CA LEU A 91 15.77 12.19 -16.44
C LEU A 91 16.61 11.00 -15.89
N GLN A 92 16.64 9.94 -16.68
CA GLN A 92 17.48 8.76 -16.38
C GLN A 92 18.96 9.12 -16.23
N ARG A 93 19.44 9.91 -17.16
CA ARG A 93 20.87 10.25 -17.21
C ARG A 93 21.18 11.15 -16.02
N LYS A 94 20.21 11.98 -15.72
CA LYS A 94 20.38 13.00 -14.68
C LYS A 94 20.42 12.31 -13.30
N LEU A 95 19.65 11.28 -13.15
CA LEU A 95 19.60 10.58 -11.84
C LEU A 95 20.82 9.64 -11.73
N ALA A 96 21.26 9.20 -12.88
CA ALA A 96 22.42 8.29 -12.99
C ALA A 96 23.70 9.01 -12.53
N ARG A 97 23.80 10.27 -12.89
CA ARG A 97 24.95 11.11 -12.53
C ARG A 97 24.95 11.44 -11.06
N LYS A 98 23.76 11.63 -10.53
CA LYS A 98 23.63 11.99 -9.12
C LYS A 98 24.15 10.80 -8.35
N ALA A 99 23.63 9.65 -8.72
CA ALA A 99 23.94 8.41 -7.98
C ALA A 99 25.40 8.04 -8.01
N VAL A 100 26.12 8.38 -9.07
CA VAL A 100 27.54 8.01 -9.16
C VAL A 100 28.35 8.98 -8.29
N ALA A 101 28.28 10.23 -8.68
CA ALA A 101 28.81 11.34 -7.86
C ALA A 101 28.51 11.15 -6.34
N PHE B 18 2.87 1.79 18.99
CA PHE B 18 2.57 3.22 18.68
C PHE B 18 1.37 3.77 19.46
N LYS B 19 0.39 4.26 18.72
CA LYS B 19 -0.75 5.00 19.32
C LYS B 19 -1.65 4.10 20.11
N PHE B 20 -1.71 2.86 19.65
CA PHE B 20 -2.49 1.80 20.30
C PHE B 20 -1.59 0.67 20.65
N HIS B 21 -2.02 -0.12 21.60
CA HIS B 21 -1.23 -1.22 22.07
C HIS B 21 -2.04 -2.52 22.03
N SER B 22 -1.30 -3.62 22.03
CA SER B 22 -1.91 -4.97 22.16
C SER B 22 -2.73 -5.02 23.38
N GLY B 23 -3.89 -5.60 23.22
CA GLY B 23 -4.79 -5.82 24.35
C GLY B 23 -5.83 -4.73 24.40
N GLU B 24 -5.44 -3.59 23.86
CA GLU B 24 -6.33 -2.42 23.87
C GLU B 24 -7.62 -2.65 23.14
N LYS B 25 -8.65 -2.25 23.83
CA LYS B 25 -9.99 -2.24 23.29
C LYS B 25 -10.18 -0.95 22.50
N VAL B 26 -10.69 -1.10 21.30
CA VAL B 26 -10.83 0.03 20.38
C VAL B 26 -12.05 -0.07 19.51
N LEU B 27 -12.29 1.00 18.77
CA LEU B 27 -13.28 0.99 17.68
C LEU B 27 -12.53 0.92 16.40
N CYS B 28 -13.06 0.16 15.45
CA CYS B 28 -12.38 -0.02 14.16
C CYS B 28 -13.34 0.02 12.99
N PHE B 29 -12.93 0.74 11.95
CA PHE B 29 -13.74 0.85 10.74
C PHE B 29 -13.87 -0.47 10.07
N GLU B 30 -15.03 -0.67 9.50
CA GLU B 30 -15.26 -1.76 8.58
C GLU B 30 -14.03 -1.88 7.66
N PRO B 31 -13.47 -3.07 7.52
CA PRO B 31 -12.24 -3.10 6.78
C PRO B 31 -12.52 -3.27 5.31
N ASP B 32 -13.77 -3.61 5.01
CA ASP B 32 -14.23 -3.90 3.61
C ASP B 32 -14.90 -2.73 2.88
N PRO B 33 -14.15 -2.08 2.00
CA PRO B 33 -14.52 -0.87 1.29
C PRO B 33 -15.89 -0.89 0.68
N THR B 34 -16.34 -2.08 0.31
CA THR B 34 -17.58 -2.19 -0.49
C THR B 34 -18.80 -2.21 0.43
N LYS B 35 -18.51 -2.22 1.73
CA LYS B 35 -19.59 -2.29 2.75
C LYS B 35 -19.85 -0.95 3.41
N ALA B 36 -20.99 -0.89 4.06
CA ALA B 36 -21.37 0.30 4.80
C ALA B 36 -20.21 0.69 5.75
N ARG B 37 -19.86 1.97 5.70
CA ARG B 37 -18.87 2.53 6.63
C ARG B 37 -19.49 2.59 8.02
N VAL B 38 -19.08 1.64 8.86
CA VAL B 38 -19.47 1.61 10.26
C VAL B 38 -18.31 1.30 11.16
N LEU B 39 -18.56 1.48 12.45
CA LEU B 39 -17.50 1.28 13.49
C LEU B 39 -17.83 0.10 14.31
N TYR B 40 -16.92 -0.84 14.38
CA TYR B 40 -17.06 -2.03 15.24
C TYR B 40 -16.23 -1.98 16.47
N ASP B 41 -16.82 -2.45 17.53
CA ASP B 41 -16.08 -2.71 18.78
C ASP B 41 -15.05 -3.74 18.47
N ALA B 42 -13.83 -3.47 18.88
CA ALA B 42 -12.73 -4.35 18.54
C ALA B 42 -11.60 -4.30 19.55
N LYS B 43 -10.65 -5.17 19.28
CA LYS B 43 -9.50 -5.35 20.15
C LYS B 43 -8.22 -5.53 19.38
N ILE B 44 -7.16 -4.84 19.82
CA ILE B 44 -5.84 -5.01 19.21
C ILE B 44 -5.23 -6.30 19.66
N VAL B 45 -5.00 -7.15 18.69
CA VAL B 45 -4.50 -8.52 18.90
C VAL B 45 -3.01 -8.51 18.80
N ASP B 46 -2.57 -7.86 17.74
CA ASP B 46 -1.14 -7.69 17.43
C ASP B 46 -0.83 -6.38 16.73
N VAL B 47 0.32 -5.84 17.11
CA VAL B 47 0.93 -4.73 16.37
C VAL B 47 2.24 -5.12 15.76
N ILE B 48 2.53 -4.43 14.69
CA ILE B 48 3.61 -4.83 13.82
C ILE B 48 4.15 -3.61 13.15
N VAL B 49 5.45 -3.43 13.24
CA VAL B 49 6.09 -2.39 12.45
C VAL B 49 6.20 -2.83 11.02
N GLY B 50 5.56 -2.07 10.17
CA GLY B 50 5.55 -2.33 8.73
C GLY B 50 6.23 -1.23 7.97
N LYS B 51 6.04 -1.24 6.67
CA LYS B 51 6.71 -0.27 5.81
C LYS B 51 5.86 0.25 4.66
N ASP B 52 5.88 1.57 4.56
CA ASP B 52 5.13 2.29 3.51
C ASP B 52 5.83 2.22 2.16
N GLU B 53 5.11 2.69 1.16
CA GLU B 53 5.51 2.44 -0.24
C GLU B 53 6.89 3.00 -0.46
N LYS B 54 7.19 3.97 0.40
CA LYS B 54 8.46 4.72 0.41
C LYS B 54 9.27 4.41 1.65
N GLY B 55 9.01 3.24 2.17
CA GLY B 55 9.94 2.55 3.04
C GLY B 55 9.98 3.10 4.44
N ARG B 56 9.19 4.12 4.70
CA ARG B 56 9.02 4.62 6.09
C ARG B 56 8.35 3.59 6.96
N LYS B 57 8.78 3.56 8.20
CA LYS B 57 8.15 2.72 9.24
C LYS B 57 6.78 3.26 9.60
N ILE B 58 5.81 2.39 9.37
CA ILE B 58 4.42 2.60 9.77
C ILE B 58 3.88 1.39 10.56
N PRO B 59 3.11 1.67 11.62
CA PRO B 59 2.54 0.58 12.39
C PRO B 59 1.36 -0.05 11.70
N GLU B 60 1.31 -1.37 11.82
CA GLU B 60 0.15 -2.15 11.44
C GLU B 60 -0.42 -2.81 12.65
N TYR B 61 -1.74 -2.95 12.59
CA TYR B 61 -2.56 -3.45 13.70
C TYR B 61 -3.48 -4.56 13.25
N LEU B 62 -3.35 -5.69 13.92
CA LEU B 62 -4.24 -6.82 13.67
C LEU B 62 -5.44 -6.66 14.57
N ILE B 63 -6.64 -6.65 14.01
CA ILE B 63 -7.75 -6.33 14.81
C ILE B 63 -8.72 -7.43 14.83
N HIS B 64 -9.14 -7.67 16.05
CA HIS B 64 -10.20 -8.59 16.36
C HIS B 64 -11.49 -7.85 16.62
N PHE B 65 -12.53 -8.34 15.95
CA PHE B 65 -13.86 -7.74 16.03
C PHE B 65 -14.71 -8.42 17.07
N ASN B 66 -15.02 -7.68 18.08
CA ASN B 66 -15.75 -8.30 19.20
C ASN B 66 -17.06 -8.93 18.74
N GLY B 67 -17.19 -10.21 19.05
CA GLY B 67 -18.44 -10.94 18.86
C GLY B 67 -18.37 -11.80 17.62
N TRP B 68 -17.30 -11.58 16.88
CA TRP B 68 -16.93 -12.42 15.73
C TRP B 68 -15.69 -13.20 16.02
N ASN B 69 -15.59 -14.41 15.48
CA ASN B 69 -14.44 -15.25 15.82
C ASN B 69 -13.25 -14.96 15.00
N ARG B 70 -12.15 -15.54 15.45
CA ARG B 70 -10.81 -15.07 15.07
C ARG B 70 -10.60 -15.07 13.56
N SER B 71 -11.46 -15.78 12.87
CA SER B 71 -11.26 -15.96 11.42
C SER B 71 -11.67 -14.69 10.72
N TRP B 72 -12.17 -13.76 11.49
CA TRP B 72 -12.63 -12.47 10.92
C TRP B 72 -11.63 -11.37 11.20
N ASP B 73 -10.56 -11.73 11.88
CA ASP B 73 -9.46 -10.80 12.17
C ASP B 73 -8.85 -10.22 10.86
N ARG B 74 -8.64 -8.92 10.86
CA ARG B 74 -8.12 -8.18 9.74
C ARG B 74 -6.98 -7.28 10.14
N TRP B 75 -6.03 -7.11 9.22
CA TRP B 75 -4.95 -6.12 9.39
C TRP B 75 -5.50 -4.79 8.95
N ALA B 76 -5.20 -3.80 9.74
CA ALA B 76 -5.62 -2.45 9.47
C ALA B 76 -4.53 -1.44 9.75
N ALA B 77 -4.61 -0.38 8.97
CA ALA B 77 -3.76 0.80 9.13
C ALA B 77 -4.23 1.64 10.32
N GLU B 78 -3.31 2.41 10.92
CA GLU B 78 -3.65 3.33 12.04
C GLU B 78 -4.85 4.21 11.77
N ASP B 79 -5.02 4.53 10.50
CA ASP B 79 -6.12 5.39 10.06
C ASP B 79 -7.48 4.81 10.47
N HIS B 80 -7.49 3.50 10.62
CA HIS B 80 -8.73 2.75 10.59
C HIS B 80 -9.17 2.38 11.99
N VAL B 81 -8.39 2.84 12.94
CA VAL B 81 -8.56 2.46 14.32
C VAL B 81 -8.75 3.69 15.15
N LEU B 82 -9.83 3.69 15.89
CA LEU B 82 -10.15 4.78 16.75
C LEU B 82 -10.10 4.35 18.20
N ARG B 83 -9.62 5.27 19.00
CA ARG B 83 -9.72 5.16 20.45
C ARG B 83 -11.18 5.09 20.97
N ASP B 84 -11.37 4.18 21.90
CA ASP B 84 -12.69 3.93 22.51
C ASP B 84 -13.15 5.02 23.45
N THR B 85 -13.63 6.07 22.85
CA THR B 85 -13.81 7.36 23.46
C THR B 85 -15.28 7.85 23.33
N ASP B 86 -15.74 8.74 24.20
CA ASP B 86 -17.14 9.23 24.15
C ASP B 86 -17.43 9.76 22.73
N GLU B 87 -16.47 10.47 22.19
CA GLU B 87 -16.69 11.17 20.92
C GLU B 87 -16.74 10.20 19.77
N ASN B 88 -15.98 9.14 19.92
CA ASN B 88 -15.90 8.11 18.87
C ASN B 88 -17.12 7.18 18.92
N ARG B 89 -17.69 7.10 20.12
CA ARG B 89 -18.89 6.29 20.40
C ARG B 89 -20.06 7.04 19.83
N ARG B 90 -20.03 8.33 19.98
CA ARG B 90 -21.02 9.14 19.33
C ARG B 90 -20.95 8.97 17.80
N LEU B 91 -19.75 8.83 17.27
CA LEU B 91 -19.57 8.74 15.82
C LEU B 91 -20.11 7.38 15.40
N GLN B 92 -19.88 6.40 16.27
CA GLN B 92 -20.33 5.03 16.03
C GLN B 92 -21.83 4.98 15.85
N ARG B 93 -22.50 5.62 16.77
CA ARG B 93 -23.96 5.57 16.80
C ARG B 93 -24.47 6.24 15.52
N LYS B 94 -23.73 7.25 15.12
CA LYS B 94 -24.21 8.14 14.06
C LYS B 94 -24.10 7.43 12.71
N LEU B 95 -23.03 6.68 12.58
CA LEU B 95 -22.78 5.88 11.37
C LEU B 95 -23.72 4.68 11.37
N ALA B 96 -24.04 4.19 12.56
CA ALA B 96 -24.89 2.99 12.71
C ALA B 96 -26.32 3.30 12.23
N ARG B 97 -26.75 4.51 12.51
CA ARG B 97 -28.08 5.00 12.11
C ARG B 97 -28.18 5.22 10.64
N LYS B 98 -27.08 5.67 10.08
CA LYS B 98 -27.03 5.95 8.63
C LYS B 98 -27.20 4.64 7.94
N ALA B 99 -26.42 3.67 8.42
CA ALA B 99 -26.38 2.33 7.82
C ALA B 99 -27.70 1.55 7.86
N VAL B 100 -28.50 1.79 8.88
CA VAL B 100 -29.77 1.06 9.01
C VAL B 100 -30.81 1.70 8.11
N ALA B 101 -30.90 3.00 8.24
CA ALA B 101 -31.67 3.84 7.30
C ALA B 101 -31.09 3.82 5.86
N HIS G 10 19.16 -3.70 1.50
CA HIS G 10 19.38 -5.16 1.27
C HIS G 10 19.32 -5.50 -0.21
N ARG G 11 19.11 -4.49 -1.03
CA ARG G 11 18.93 -4.70 -2.46
C ARG G 11 19.85 -3.88 -3.34
N VAL G 13 21.99 -1.93 -6.10
CA VAL G 13 23.05 -0.92 -6.24
C VAL G 13 22.69 0.44 -5.67
N LEU G 14 23.68 1.03 -5.02
CA LEU G 14 23.59 2.42 -4.55
C LEU G 14 23.34 3.34 -5.73
#